data_8C56
#
_entry.id   8C56
#
_cell.length_a   84.259
_cell.length_b   84.259
_cell.length_c   173.883
_cell.angle_alpha   90.00
_cell.angle_beta   90.00
_cell.angle_gamma   90.00
#
_symmetry.space_group_name_H-M   'P 41 21 2'
#
loop_
_entity.id
_entity.type
_entity.pdbx_description
1 polymer 'Cytosine-specific methyltransferase'
2 polymer "DNA (5'-D(*CP*CP*AP*CP*AP*TP*GP*(5PY)P*GP*CP*TP*GP*AP*A)-3')"
3 polymer "DNA (5'-D(*GP*TP*TP*CP*AP*GP*(5CM)P*GP*CP*AP*TP*GP*TP*G)-3')"
4 non-polymer S-ADENOSYL-L-HOMOCYSTEINE
5 non-polymer GLYCEROL
6 non-polymer 'SODIUM ION'
7 water water
#
loop_
_entity_poly.entity_id
_entity_poly.type
_entity_poly.pdbx_seq_one_letter_code
_entity_poly.pdbx_strand_id
1 'polypeptide(L)'
;MNSNKDKIKVIKVFEAFAGIGSQFKALKNIARSKNWEIQHSGMVEWFVDAIVSYVAIHSKNFNPKIERLDRDILSISNDS
KMPISEYGIKKINNTIKASYLNYAKKHFNNLFDIKKVNKDNFPKNIDIFTYSFPCQDLSVQGLQKGIDKELNTRSGLLWE
IERILEEIKNSFSKEEMPKYLLMENVKNLLSHKNKKNYNTWLKQLEKFGYKSKTYLLNSKNFDNCQNRERVFCLSIRDDY
LEKTGFKFKELEKVKNPPKKIKDILVDSSNYKYLNLNKYETTTFRETKSNIISRPLKNYTTFNSENYVYNINGIGPTLTA
SGANSRIKIETQQGVRYLTPLECFKYMQFDVNDFKKVQSTNLISENKMIYIAGNSIPVKILEAIFNTLEFVNNEE
;
A
2 'polydeoxyribonucleotide' (DC)(DC)(DA)(DC)(DA)(DT)(DG)(5PY)(DG)(DC)(DT)(DG)(DA)(DA) B
3 'polydeoxyribonucleotide' (DG)(DT)(DT)(DC)(DA)(DG)(5CM)(DG)(DC)(DA)(DT)(DG)(DT)(DG) C
#
loop_
_chem_comp.id
_chem_comp.type
_chem_comp.name
_chem_comp.formula
5CM DNA linking 5-METHYL-2'-DEOXY-CYTIDINE-5'-MONOPHOSPHATE 'C10 H16 N3 O7 P'
5PY DNA linking 1-(2'-DEOXY-5'-O-PHOSPHONO-BETA-D-ERYTHRO-PENTOFURANOSYL)-5-METHYLPYRIMIDIN-2(1H)-ONE 'C10 H15 N2 O7 P'
DA DNA linking 2'-DEOXYADENOSINE-5'-MONOPHOSPHATE 'C10 H14 N5 O6 P'
DC DNA linking 2'-DEOXYCYTIDINE-5'-MONOPHOSPHATE 'C9 H14 N3 O7 P'
DG DNA linking 2'-DEOXYGUANOSINE-5'-MONOPHOSPHATE 'C10 H14 N5 O7 P'
DT DNA linking THYMIDINE-5'-MONOPHOSPHATE 'C10 H15 N2 O8 P'
GOL non-polymer GLYCEROL 'C3 H8 O3'
NA non-polymer 'SODIUM ION' 'Na 1'
SAH non-polymer S-ADENOSYL-L-HOMOCYSTEINE 'C14 H20 N6 O5 S'
#
# COMPACT_ATOMS: atom_id res chain seq x y z
N ASP A 6 -19.50 -4.27 25.36
CA ASP A 6 -20.40 -3.16 24.92
C ASP A 6 -21.14 -3.61 23.64
N LYS A 7 -21.54 -2.66 22.81
CA LYS A 7 -21.93 -2.96 21.42
C LYS A 7 -20.68 -2.88 20.50
N ILE A 8 -19.54 -3.31 21.03
CA ILE A 8 -18.28 -3.32 20.29
C ILE A 8 -18.27 -4.44 19.25
N LYS A 9 -18.00 -4.07 18.00
CA LYS A 9 -18.05 -5.02 16.89
C LYS A 9 -16.63 -5.47 16.52
N VAL A 10 -16.44 -6.79 16.52
CA VAL A 10 -15.16 -7.39 16.16
C VAL A 10 -15.04 -7.40 14.64
N ILE A 11 -13.97 -6.78 14.14
CA ILE A 11 -13.75 -6.66 12.70
C ILE A 11 -12.56 -7.52 12.25
N LYS A 12 -12.88 -8.67 11.67
CA LYS A 12 -11.87 -9.61 11.18
C LYS A 12 -11.42 -9.17 9.80
N VAL A 13 -10.14 -8.80 9.67
CA VAL A 13 -9.61 -8.27 8.43
C VAL A 13 -8.60 -9.22 7.81
N PHE A 14 -8.68 -9.38 6.49
CA PHE A 14 -7.74 -10.20 5.74
C PHE A 14 -7.09 -9.38 4.63
N GLU A 15 -5.78 -9.23 4.71
CA GLU A 15 -5.04 -8.38 3.78
C GLU A 15 -4.24 -9.20 2.77
N ALA A 16 -4.73 -9.31 1.55
CA ALA A 16 -3.97 -9.93 0.47
C ALA A 16 -3.04 -8.89 -0.12
N PHE A 17 -1.78 -9.29 -0.34
CA PHE A 17 -0.70 -8.38 -0.72
C PHE A 17 -0.57 -7.30 0.33
N ALA A 18 -0.37 -7.71 1.58
CA ALA A 18 -0.54 -6.83 2.73
C ALA A 18 0.50 -5.71 2.81
N GLY A 19 1.69 -5.96 2.29
CA GLY A 19 2.79 -5.00 2.39
C GLY A 19 3.11 -4.73 3.85
N ILE A 20 3.19 -3.45 4.22
CA ILE A 20 3.41 -3.07 5.62
C ILE A 20 2.11 -2.77 6.34
N GLY A 21 0.98 -3.15 5.75
CA GLY A 21 -0.30 -3.09 6.43
C GLY A 21 -0.87 -1.71 6.63
N SER A 22 -0.89 -0.90 5.59
CA SER A 22 -1.59 0.38 5.66
C SER A 22 -3.08 0.18 5.90
N GLN A 23 -3.62 -0.94 5.41
N GLN A 23 -3.63 -0.92 5.39
CA GLN A 23 -5.04 -1.27 5.60
CA GLN A 23 -5.04 -1.25 5.60
C GLN A 23 -5.32 -1.51 7.08
C GLN A 23 -5.33 -1.51 7.07
N PHE A 24 -4.45 -2.28 7.72
CA PHE A 24 -4.58 -2.59 9.14
C PHE A 24 -4.33 -1.35 10.01
N LYS A 25 -3.37 -0.52 9.59
CA LYS A 25 -3.09 0.73 10.27
C LYS A 25 -4.34 1.64 10.25
N ALA A 26 -4.92 1.81 9.07
CA ALA A 26 -6.10 2.66 8.91
C ALA A 26 -7.23 2.21 9.81
N LEU A 27 -7.45 0.90 9.86
CA LEU A 27 -8.53 0.33 10.66
C LEU A 27 -8.32 0.55 12.16
N LYS A 28 -7.08 0.38 12.63
CA LYS A 28 -6.74 0.61 14.03
C LYS A 28 -6.90 2.10 14.40
N ASN A 29 -6.56 2.99 13.45
CA ASN A 29 -6.67 4.43 13.69
C ASN A 29 -8.11 4.90 13.92
N ILE A 30 -9.06 4.31 13.21
CA ILE A 30 -10.47 4.73 13.32
C ILE A 30 -11.30 3.83 14.23
N ALA A 31 -10.66 2.80 14.80
CA ALA A 31 -11.37 1.75 15.53
C ALA A 31 -12.24 2.29 16.67
N ARG A 32 -11.67 3.12 17.54
CA ARG A 32 -12.41 3.58 18.72
C ARG A 32 -13.57 4.49 18.32
N SER A 33 -13.38 5.33 17.30
CA SER A 33 -14.44 6.23 16.84
C SER A 33 -15.61 5.46 16.24
N LYS A 34 -15.33 4.27 15.71
CA LYS A 34 -16.36 3.38 15.15
C LYS A 34 -16.84 2.32 16.16
N ASN A 35 -16.24 2.30 17.35
CA ASN A 35 -16.48 1.26 18.35
C ASN A 35 -16.22 -0.14 17.78
N TRP A 36 -15.02 -0.30 17.22
CA TRP A 36 -14.58 -1.55 16.63
C TRP A 36 -13.38 -2.10 17.39
N GLU A 37 -13.16 -3.39 17.23
CA GLU A 37 -11.96 -4.04 17.71
C GLU A 37 -11.41 -4.83 16.53
N ILE A 38 -10.27 -4.39 16.02
CA ILE A 38 -9.73 -4.95 14.79
C ILE A 38 -8.94 -6.21 15.12
N GLN A 39 -9.13 -7.24 14.30
CA GLN A 39 -8.55 -8.55 14.56
C GLN A 39 -7.95 -9.12 13.27
N HIS A 40 -6.77 -9.74 13.37
CA HIS A 40 -6.13 -10.36 12.22
C HIS A 40 -6.83 -11.65 11.84
N SER A 41 -7.54 -11.65 10.73
CA SER A 41 -8.08 -12.89 10.17
C SER A 41 -6.99 -13.61 9.37
N GLY A 42 -6.07 -12.84 8.80
CA GLY A 42 -4.99 -13.41 8.00
C GLY A 42 -4.40 -12.40 7.06
N MET A 43 -3.35 -12.81 6.35
CA MET A 43 -2.69 -11.95 5.38
C MET A 43 -1.92 -12.76 4.36
N VAL A 44 -1.55 -12.09 3.27
CA VAL A 44 -0.71 -12.69 2.25
C VAL A 44 0.32 -11.67 1.81
N GLU A 45 1.58 -11.96 2.12
CA GLU A 45 2.69 -11.11 1.72
C GLU A 45 3.94 -11.96 1.71
N TRP A 46 4.62 -11.99 0.58
CA TRP A 46 5.79 -12.86 0.40
C TRP A 46 7.12 -12.11 0.42
N PHE A 47 7.06 -10.78 0.56
CA PHE A 47 8.24 -9.93 0.48
C PHE A 47 8.88 -9.76 1.86
N VAL A 48 10.07 -10.33 2.01
CA VAL A 48 10.72 -10.45 3.32
C VAL A 48 10.76 -9.12 4.09
N ASP A 49 11.23 -8.07 3.44
CA ASP A 49 11.35 -6.77 4.09
C ASP A 49 9.99 -6.22 4.52
N ALA A 50 8.97 -6.46 3.70
CA ALA A 50 7.61 -6.03 4.04
C ALA A 50 7.07 -6.85 5.21
N ILE A 51 7.35 -8.15 5.21
CA ILE A 51 6.91 -9.01 6.30
C ILE A 51 7.56 -8.60 7.61
N VAL A 52 8.87 -8.38 7.58
CA VAL A 52 9.60 -7.95 8.76
C VAL A 52 9.09 -6.60 9.24
N SER A 53 8.91 -5.68 8.31
CA SER A 53 8.43 -4.35 8.64
C SER A 53 7.01 -4.41 9.17
N TYR A 54 6.17 -5.23 8.53
CA TYR A 54 4.78 -5.41 8.99
C TYR A 54 4.76 -5.86 10.45
N VAL A 55 5.58 -6.85 10.77
CA VAL A 55 5.64 -7.37 12.14
C VAL A 55 6.13 -6.29 13.12
N ALA A 56 7.17 -5.55 12.74
CA ALA A 56 7.67 -4.49 13.60
C ALA A 56 6.61 -3.44 13.89
N ILE A 57 5.84 -3.05 12.87
CA ILE A 57 4.82 -2.01 13.02
C ILE A 57 3.61 -2.46 13.83
N HIS A 58 3.15 -3.69 13.61
CA HIS A 58 1.85 -4.12 14.12
C HIS A 58 1.85 -5.11 15.28
N SER A 59 3.02 -5.62 15.66
CA SER A 59 3.09 -6.60 16.75
C SER A 59 3.12 -5.92 18.12
N LYS A 60 2.58 -6.63 19.11
CA LYS A 60 2.59 -6.19 20.51
C LYS A 60 3.33 -7.26 21.29
N ASN A 61 4.34 -6.85 22.05
CA ASN A 61 5.18 -7.78 22.81
C ASN A 61 5.67 -8.95 21.94
N PHE A 62 6.32 -8.62 20.83
CA PHE A 62 7.09 -9.59 20.06
C PHE A 62 8.55 -9.37 20.36
N ASN A 63 9.24 -10.44 20.74
CA ASN A 63 10.66 -10.36 21.05
C ASN A 63 11.46 -11.19 20.05
N PRO A 64 12.10 -10.51 19.09
CA PRO A 64 12.92 -11.21 18.09
C PRO A 64 14.07 -11.97 18.71
N LYS A 65 14.37 -13.12 18.14
CA LYS A 65 15.52 -13.91 18.55
C LYS A 65 15.91 -14.87 17.44
N ILE A 66 17.10 -15.43 17.53
CA ILE A 66 17.61 -16.33 16.51
C ILE A 66 16.77 -17.61 16.53
N GLU A 67 16.13 -17.91 15.39
CA GLU A 67 15.29 -19.10 15.25
C GLU A 67 15.56 -19.80 13.92
N ARG A 68 15.20 -21.09 13.86
CA ARG A 68 15.12 -21.81 12.59
C ARG A 68 13.90 -21.30 11.84
N LEU A 69 14.03 -21.12 10.54
CA LEU A 69 12.88 -20.78 9.71
C LEU A 69 11.99 -22.00 9.60
N ASP A 70 10.69 -21.83 9.86
CA ASP A 70 9.72 -22.92 9.72
C ASP A 70 9.87 -23.59 8.35
N ARG A 71 9.78 -24.92 8.34
CA ARG A 71 10.09 -25.70 7.15
C ARG A 71 9.09 -25.51 5.99
N ASP A 72 7.88 -25.06 6.28
CA ASP A 72 6.87 -24.81 5.21
C ASP A 72 6.93 -23.39 4.62
N ILE A 73 7.66 -22.47 5.25
CA ILE A 73 7.85 -21.11 4.73
C ILE A 73 8.85 -21.18 3.58
N LEU A 74 8.35 -21.46 2.39
CA LEU A 74 9.19 -21.72 1.23
C LEU A 74 8.99 -20.71 0.10
N SER A 75 7.78 -20.21 -0.07
CA SER A 75 7.50 -19.26 -1.14
C SER A 75 7.56 -17.81 -0.63
N ILE A 76 8.78 -17.28 -0.59
CA ILE A 76 9.03 -15.89 -0.17
C ILE A 76 9.95 -15.23 -1.20
N SER A 77 10.16 -13.93 -1.06
CA SER A 77 10.94 -13.17 -2.04
C SER A 77 11.79 -12.13 -1.32
N ASN A 78 13.03 -11.97 -1.78
CA ASN A 78 13.93 -10.94 -1.25
C ASN A 78 13.83 -9.62 -2.02
N ASP A 79 13.41 -9.68 -3.28
CA ASP A 79 13.27 -8.46 -4.09
C ASP A 79 11.82 -8.06 -4.40
N SER A 80 10.87 -8.89 -3.95
CA SER A 80 9.42 -8.72 -4.19
C SER A 80 8.92 -9.20 -5.57
N LYS A 81 9.84 -9.50 -6.50
CA LYS A 81 9.47 -9.91 -7.86
C LYS A 81 9.63 -11.41 -8.06
N MET A 82 10.80 -11.94 -7.66
CA MET A 82 11.16 -13.33 -7.92
C MET A 82 11.23 -14.15 -6.64
N PRO A 83 10.94 -15.46 -6.73
CA PRO A 83 11.03 -16.30 -5.55
C PRO A 83 12.48 -16.54 -5.13
N ILE A 84 12.71 -16.57 -3.82
N ILE A 84 12.71 -16.61 -3.83
CA ILE A 84 14.06 -16.79 -3.27
CA ILE A 84 14.03 -16.80 -3.27
C ILE A 84 14.55 -18.21 -3.56
C ILE A 84 14.55 -18.21 -3.56
N SER A 85 15.85 -18.34 -3.77
CA SER A 85 16.48 -19.64 -4.01
C SER A 85 16.64 -20.47 -2.73
N GLU A 86 17.02 -21.75 -2.90
CA GLU A 86 17.32 -22.61 -1.75
C GLU A 86 18.44 -22.03 -0.88
N TYR A 87 19.41 -21.40 -1.52
CA TYR A 87 20.51 -20.75 -0.81
C TYR A 87 20.02 -19.60 0.06
N GLY A 88 19.17 -18.75 -0.52
CA GLY A 88 18.64 -17.60 0.20
C GLY A 88 17.80 -18.00 1.39
N ILE A 89 17.08 -19.11 1.27
CA ILE A 89 16.30 -19.63 2.38
C ILE A 89 17.24 -20.06 3.51
N LYS A 90 18.30 -20.78 3.17
CA LYS A 90 19.34 -21.16 4.14
C LYS A 90 19.95 -19.98 4.88
N LYS A 91 20.19 -18.87 4.16
N LYS A 91 20.18 -18.89 4.14
CA LYS A 91 20.78 -17.68 4.78
CA LYS A 91 20.73 -17.65 4.68
C LYS A 91 19.84 -17.03 5.79
C LYS A 91 19.84 -17.03 5.76
N ILE A 92 18.53 -17.20 5.61
CA ILE A 92 17.55 -16.69 6.57
C ILE A 92 17.44 -17.62 7.78
N ASN A 93 17.56 -18.93 7.54
CA ASN A 93 17.51 -19.92 8.61
C ASN A 93 18.61 -19.68 9.65
N ASN A 94 18.23 -19.77 10.92
CA ASN A 94 19.12 -19.49 12.06
C ASN A 94 19.58 -18.04 12.13
N THR A 95 18.61 -17.12 12.01
CA THR A 95 18.82 -15.69 12.20
C THR A 95 17.64 -15.09 12.96
N ILE A 96 17.82 -13.86 13.44
CA ILE A 96 16.73 -13.09 14.05
C ILE A 96 15.61 -12.83 13.02
N LYS A 97 16.00 -12.54 11.79
CA LYS A 97 15.03 -12.31 10.71
C LYS A 97 14.03 -13.46 10.57
N ALA A 98 14.48 -14.69 10.78
CA ALA A 98 13.60 -15.85 10.71
C ALA A 98 12.42 -15.72 11.67
N SER A 99 12.68 -15.24 12.88
CA SER A 99 11.62 -15.11 13.89
C SER A 99 10.53 -14.11 13.49
N TYR A 100 10.90 -13.10 12.71
CA TYR A 100 9.89 -12.20 12.14
C TYR A 100 8.98 -12.98 11.20
N LEU A 101 9.57 -13.81 10.34
CA LEU A 101 8.81 -14.60 9.38
C LEU A 101 7.93 -15.63 10.09
N ASN A 102 8.53 -16.37 11.03
CA ASN A 102 7.79 -17.33 11.86
C ASN A 102 6.61 -16.67 12.59
N TYR A 103 6.82 -15.44 13.07
CA TYR A 103 5.80 -14.70 13.83
C TYR A 103 4.64 -14.29 12.92
N ALA A 104 4.96 -13.77 11.73
CA ALA A 104 3.94 -13.46 10.73
C ALA A 104 3.05 -14.67 10.46
N LYS A 105 3.67 -15.83 10.31
CA LYS A 105 2.93 -17.06 10.07
C LYS A 105 2.06 -17.41 11.27
N LYS A 106 2.67 -17.43 12.45
CA LYS A 106 2.01 -17.91 13.65
C LYS A 106 0.93 -16.97 14.16
N HIS A 107 1.30 -15.71 14.41
N HIS A 107 1.29 -15.71 14.42
CA HIS A 107 0.42 -14.76 15.08
CA HIS A 107 0.39 -14.76 15.08
C HIS A 107 -0.49 -13.97 14.12
C HIS A 107 -0.52 -13.99 14.12
N PHE A 108 -0.06 -13.76 12.88
CA PHE A 108 -0.87 -13.03 11.88
C PHE A 108 -1.49 -13.90 10.79
N ASN A 109 -1.23 -15.21 10.83
CA ASN A 109 -1.77 -16.13 9.83
C ASN A 109 -1.39 -15.69 8.41
N ASN A 110 -0.12 -15.37 8.21
CA ASN A 110 0.38 -15.04 6.89
C ASN A 110 0.53 -16.31 6.07
N LEU A 111 -0.13 -16.36 4.92
CA LEU A 111 -0.04 -17.49 4.01
C LEU A 111 1.02 -17.26 2.93
N PHE A 112 1.59 -16.06 2.91
CA PHE A 112 2.78 -15.72 2.11
C PHE A 112 2.52 -15.57 0.62
N ASP A 113 2.16 -16.66 -0.06
CA ASP A 113 2.01 -16.66 -1.51
C ASP A 113 0.53 -16.81 -1.87
N ILE A 114 0.03 -15.88 -2.69
CA ILE A 114 -1.38 -15.83 -3.08
C ILE A 114 -1.81 -17.08 -3.86
N LYS A 115 -0.85 -17.70 -4.54
CA LYS A 115 -1.06 -18.97 -5.25
C LYS A 115 -1.42 -20.08 -4.28
N LYS A 116 -0.89 -20.02 -3.06
CA LYS A 116 -1.09 -21.07 -2.06
C LYS A 116 -2.39 -20.87 -1.26
N VAL A 117 -3.12 -19.79 -1.53
CA VAL A 117 -4.38 -19.55 -0.83
C VAL A 117 -5.50 -20.28 -1.54
N ASN A 118 -6.36 -20.94 -0.76
CA ASN A 118 -7.47 -21.72 -1.30
C ASN A 118 -8.57 -21.93 -0.25
N LYS A 119 -9.62 -22.64 -0.63
CA LYS A 119 -10.80 -22.82 0.24
C LYS A 119 -10.51 -23.51 1.58
N ASP A 120 -9.47 -24.32 1.62
N ASP A 120 -9.47 -24.32 1.62
CA ASP A 120 -9.11 -25.08 2.81
CA ASP A 120 -9.13 -25.07 2.83
C ASP A 120 -8.27 -24.28 3.82
C ASP A 120 -8.26 -24.29 3.82
N ASN A 121 -7.73 -23.13 3.40
CA ASN A 121 -6.97 -22.25 4.32
C ASN A 121 -7.44 -20.79 4.36
N PHE A 122 -8.37 -20.42 3.50
CA PHE A 122 -8.90 -19.06 3.49
C PHE A 122 -9.92 -18.91 4.62
N PRO A 123 -9.74 -17.93 5.51
CA PRO A 123 -10.61 -17.83 6.69
C PRO A 123 -12.06 -17.54 6.34
N LYS A 124 -12.97 -18.00 7.20
CA LYS A 124 -14.40 -17.76 7.01
C LYS A 124 -14.85 -16.57 7.83
N ASN A 125 -15.94 -15.97 7.40
CA ASN A 125 -16.58 -14.85 8.10
C ASN A 125 -15.73 -13.61 8.18
N ILE A 126 -14.95 -13.36 7.12
CA ILE A 126 -14.09 -12.19 7.06
C ILE A 126 -14.97 -10.96 6.88
N ASP A 127 -14.69 -9.92 7.66
CA ASP A 127 -15.46 -8.70 7.59
C ASP A 127 -14.94 -7.78 6.49
N ILE A 128 -13.61 -7.71 6.37
CA ILE A 128 -12.97 -6.87 5.35
C ILE A 128 -11.84 -7.64 4.68
N PHE A 129 -11.94 -7.78 3.36
CA PHE A 129 -10.92 -8.41 2.55
C PHE A 129 -10.27 -7.36 1.67
N THR A 130 -8.99 -7.08 1.89
CA THR A 130 -8.28 -6.09 1.07
C THR A 130 -7.37 -6.79 0.06
N TYR A 131 -7.24 -6.18 -1.11
CA TYR A 131 -6.33 -6.69 -2.14
C TYR A 131 -5.74 -5.56 -2.97
N SER A 132 -4.71 -4.94 -2.41
CA SER A 132 -3.88 -4.00 -3.15
C SER A 132 -2.86 -4.78 -3.97
N PHE A 133 -3.32 -5.31 -5.11
CA PHE A 133 -2.51 -6.20 -5.94
C PHE A 133 -1.36 -5.44 -6.64
N PRO A 134 -0.39 -6.16 -7.23
CA PRO A 134 0.78 -5.46 -7.77
C PRO A 134 0.44 -4.45 -8.87
N CYS A 135 1.15 -3.33 -8.86
CA CYS A 135 0.89 -2.19 -9.74
C CYS A 135 1.91 -2.04 -10.86
N GLN A 136 2.95 -2.88 -10.86
N GLN A 136 2.95 -2.87 -10.86
CA GLN A 136 4.13 -2.67 -11.72
CA GLN A 136 4.11 -2.64 -11.72
C GLN A 136 3.80 -2.72 -13.21
C GLN A 136 3.81 -2.73 -13.21
N ASP A 137 2.94 -3.66 -13.61
CA ASP A 137 2.57 -3.82 -15.01
C ASP A 137 1.43 -2.87 -15.44
N LEU A 138 0.89 -2.11 -14.48
CA LEU A 138 -0.13 -1.11 -14.75
C LEU A 138 0.38 0.33 -14.71
N SER A 139 1.43 0.61 -13.93
CA SER A 139 1.95 1.99 -13.77
C SER A 139 2.41 2.61 -15.08
N VAL A 140 2.06 3.88 -15.29
CA VAL A 140 2.56 4.61 -16.46
C VAL A 140 4.09 4.72 -16.48
N GLN A 141 4.72 4.73 -15.30
CA GLN A 141 6.17 4.78 -15.17
C GLN A 141 6.86 3.50 -15.65
N GLY A 142 6.15 2.37 -15.63
CA GLY A 142 6.72 1.07 -16.04
C GLY A 142 6.63 0.75 -17.52
N LEU A 143 6.70 -0.54 -17.82
CA LEU A 143 6.67 -1.05 -19.20
C LEU A 143 5.26 -1.31 -19.74
N GLN A 144 4.26 -1.23 -18.86
N GLN A 144 4.25 -1.21 -18.88
CA GLN A 144 2.84 -1.36 -19.23
CA GLN A 144 2.84 -1.34 -19.27
C GLN A 144 2.55 -2.66 -19.97
C GLN A 144 2.55 -2.66 -19.99
N LYS A 145 2.87 -3.76 -19.32
CA LYS A 145 2.62 -5.11 -19.85
C LYS A 145 1.14 -5.47 -19.70
N GLY A 146 0.48 -4.85 -18.72
CA GLY A 146 -0.96 -5.01 -18.53
C GLY A 146 -1.32 -6.20 -17.67
N ILE A 147 -2.58 -6.62 -17.78
CA ILE A 147 -3.10 -7.73 -16.97
C ILE A 147 -3.92 -8.71 -17.81
N ASP A 148 -3.48 -8.93 -19.05
CA ASP A 148 -4.01 -10.02 -19.88
C ASP A 148 -3.68 -11.35 -19.19
N LYS A 149 -4.68 -12.22 -19.06
CA LYS A 149 -4.50 -13.51 -18.39
C LYS A 149 -3.40 -14.38 -19.01
N GLU A 150 -3.29 -14.34 -20.33
CA GLU A 150 -2.32 -15.15 -21.07
C GLU A 150 -0.88 -14.84 -20.68
N LEU A 151 -0.62 -13.57 -20.36
CA LEU A 151 0.74 -13.08 -20.19
C LEU A 151 1.32 -13.37 -18.80
N ASN A 152 0.46 -13.67 -17.83
CA ASN A 152 0.88 -14.05 -16.48
C ASN A 152 1.80 -13.04 -15.79
N THR A 153 1.43 -11.77 -15.90
CA THR A 153 2.20 -10.68 -15.31
C THR A 153 1.96 -10.63 -13.81
N ARG A 154 2.74 -9.82 -13.10
N ARG A 154 2.75 -9.82 -13.11
CA ARG A 154 2.58 -9.69 -11.66
CA ARG A 154 2.62 -9.65 -11.68
C ARG A 154 1.30 -8.96 -11.29
C ARG A 154 1.31 -8.95 -11.29
N SER A 155 0.94 -7.93 -12.04
CA SER A 155 -0.35 -7.24 -11.83
C SER A 155 -1.51 -8.18 -12.14
N GLY A 156 -1.27 -9.15 -13.03
CA GLY A 156 -2.23 -10.21 -13.31
C GLY A 156 -2.52 -11.19 -12.18
N LEU A 157 -1.78 -11.08 -11.07
CA LEU A 157 -2.11 -11.83 -9.85
C LEU A 157 -3.48 -11.44 -9.31
N LEU A 158 -4.03 -10.34 -9.80
CA LEU A 158 -5.46 -10.05 -9.67
C LEU A 158 -6.31 -11.29 -9.92
N TRP A 159 -5.95 -12.06 -10.95
CA TRP A 159 -6.74 -13.23 -11.33
C TRP A 159 -6.64 -14.41 -10.35
N GLU A 160 -5.68 -14.36 -9.42
CA GLU A 160 -5.64 -15.32 -8.31
C GLU A 160 -6.76 -15.03 -7.31
N ILE A 161 -7.09 -13.76 -7.17
CA ILE A 161 -8.22 -13.35 -6.34
C ILE A 161 -9.52 -13.90 -6.95
N GLU A 162 -9.63 -13.87 -8.28
CA GLU A 162 -10.74 -14.53 -8.96
C GLU A 162 -10.80 -15.98 -8.55
N ARG A 163 -9.69 -16.70 -8.73
CA ARG A 163 -9.62 -18.12 -8.39
C ARG A 163 -10.09 -18.37 -6.97
N ILE A 164 -9.56 -17.61 -6.02
CA ILE A 164 -9.91 -17.78 -4.61
C ILE A 164 -11.40 -17.59 -4.38
N LEU A 165 -11.96 -16.49 -4.87
CA LEU A 165 -13.38 -16.23 -4.68
C LEU A 165 -14.25 -17.32 -5.31
N GLU A 166 -13.86 -17.77 -6.50
CA GLU A 166 -14.56 -18.84 -7.20
C GLU A 166 -14.59 -20.11 -6.36
N GLU A 167 -13.45 -20.44 -5.75
CA GLU A 167 -13.33 -21.64 -4.90
C GLU A 167 -14.19 -21.54 -3.64
N ILE A 168 -14.10 -20.42 -2.94
CA ILE A 168 -14.81 -20.28 -1.66
C ILE A 168 -16.33 -20.13 -1.84
N LYS A 169 -16.76 -19.67 -3.01
CA LYS A 169 -18.18 -19.53 -3.29
C LYS A 169 -18.95 -20.84 -3.21
N ASN A 170 -18.32 -21.94 -3.64
CA ASN A 170 -18.96 -23.26 -3.62
C ASN A 170 -18.92 -23.96 -2.27
N SER A 171 -17.93 -23.64 -1.44
CA SER A 171 -17.75 -24.31 -0.16
C SER A 171 -18.30 -23.53 1.02
N PHE A 172 -18.17 -22.21 0.98
CA PHE A 172 -18.66 -21.38 2.07
C PHE A 172 -20.16 -21.19 1.93
N SER A 173 -20.84 -21.00 3.06
CA SER A 173 -22.18 -20.46 3.01
C SER A 173 -22.08 -19.01 2.54
N LYS A 174 -23.17 -18.48 2.01
CA LYS A 174 -23.27 -17.06 1.67
C LYS A 174 -22.73 -16.17 2.81
N GLU A 175 -23.15 -16.48 4.03
N GLU A 175 -23.16 -16.47 4.04
CA GLU A 175 -22.82 -15.67 5.21
CA GLU A 175 -22.81 -15.66 5.21
C GLU A 175 -21.34 -15.76 5.60
C GLU A 175 -21.33 -15.75 5.58
N GLU A 176 -20.68 -16.84 5.20
CA GLU A 176 -19.26 -17.04 5.45
C GLU A 176 -18.33 -16.31 4.48
N MET A 177 -18.88 -15.85 3.36
CA MET A 177 -18.11 -15.06 2.38
C MET A 177 -17.73 -13.72 3.00
N PRO A 178 -16.67 -13.07 2.47
CA PRO A 178 -16.28 -11.78 3.05
C PRO A 178 -17.36 -10.71 2.87
N LYS A 179 -17.56 -9.88 3.89
CA LYS A 179 -18.63 -8.89 3.88
C LYS A 179 -18.29 -7.77 2.89
N TYR A 180 -17.09 -7.22 3.07
CA TYR A 180 -16.59 -6.15 2.22
C TYR A 180 -15.27 -6.56 1.56
N LEU A 181 -15.07 -6.13 0.31
CA LEU A 181 -13.80 -6.28 -0.38
C LEU A 181 -13.30 -4.89 -0.74
N LEU A 182 -11.98 -4.68 -0.66
CA LEU A 182 -11.39 -3.40 -1.09
C LEU A 182 -10.15 -3.60 -1.96
N MET A 183 -10.28 -3.18 -3.21
CA MET A 183 -9.17 -3.15 -4.16
C MET A 183 -8.50 -1.78 -4.15
N GLU A 184 -7.18 -1.78 -4.29
CA GLU A 184 -6.41 -0.57 -4.58
C GLU A 184 -5.47 -0.84 -5.75
N ASN A 185 -5.33 0.14 -6.64
CA ASN A 185 -4.25 0.14 -7.61
C ASN A 185 -4.04 1.51 -8.23
N VAL A 186 -3.12 1.59 -9.19
CA VAL A 186 -2.76 2.87 -9.79
C VAL A 186 -3.82 3.37 -10.78
N LYS A 187 -3.71 4.67 -11.09
CA LYS A 187 -4.67 5.37 -11.93
C LYS A 187 -4.78 4.74 -13.31
N ASN A 188 -3.65 4.33 -13.86
CA ASN A 188 -3.60 3.76 -15.21
C ASN A 188 -4.42 2.47 -15.37
N LEU A 189 -4.91 1.92 -14.25
CA LEU A 189 -5.84 0.79 -14.31
C LEU A 189 -7.11 1.13 -15.11
N LEU A 190 -7.45 2.41 -15.18
CA LEU A 190 -8.62 2.88 -15.94
C LEU A 190 -8.28 3.36 -17.35
N SER A 191 -7.09 3.04 -17.86
CA SER A 191 -6.70 3.42 -19.23
C SER A 191 -7.54 2.64 -20.25
N HIS A 192 -7.41 3.01 -21.52
N HIS A 192 -7.42 3.02 -21.52
CA HIS A 192 -8.22 2.40 -22.58
CA HIS A 192 -8.21 2.42 -22.60
C HIS A 192 -7.90 0.92 -22.76
C HIS A 192 -7.90 0.93 -22.77
N LYS A 193 -6.61 0.59 -22.78
CA LYS A 193 -6.18 -0.82 -22.89
C LYS A 193 -6.55 -1.63 -21.66
N ASN A 194 -6.45 -1.02 -20.48
CA ASN A 194 -6.71 -1.70 -19.21
C ASN A 194 -8.19 -1.74 -18.81
N LYS A 195 -9.02 -0.87 -19.39
CA LYS A 195 -10.45 -0.82 -19.12
C LYS A 195 -11.16 -2.15 -19.36
N LYS A 196 -10.83 -2.80 -20.47
CA LYS A 196 -11.47 -4.07 -20.82
C LYS A 196 -11.31 -5.08 -19.71
N ASN A 197 -10.06 -5.31 -19.30
CA ASN A 197 -9.76 -6.22 -18.19
C ASN A 197 -10.42 -5.80 -16.87
N TYR A 198 -10.42 -4.50 -16.58
CA TYR A 198 -11.03 -4.02 -15.33
C TYR A 198 -12.55 -4.26 -15.32
N ASN A 199 -13.19 -4.02 -16.46
CA ASN A 199 -14.63 -4.30 -16.59
C ASN A 199 -14.93 -5.79 -16.47
N THR A 200 -14.06 -6.62 -17.04
CA THR A 200 -14.18 -8.07 -16.90
C THR A 200 -14.20 -8.45 -15.41
N TRP A 201 -13.28 -7.86 -14.64
CA TRP A 201 -13.21 -8.12 -13.21
C TRP A 201 -14.46 -7.66 -12.44
N LEU A 202 -15.02 -6.51 -12.80
CA LEU A 202 -16.25 -6.02 -12.16
C LEU A 202 -17.45 -6.95 -12.38
N LYS A 203 -17.57 -7.52 -13.59
N LYS A 203 -17.56 -7.51 -13.59
CA LYS A 203 -18.64 -8.47 -13.90
CA LYS A 203 -18.63 -8.47 -13.90
C LYS A 203 -18.52 -9.74 -13.06
C LYS A 203 -18.52 -9.74 -13.06
N GLN A 204 -17.29 -10.17 -12.79
CA GLN A 204 -17.03 -11.35 -11.97
C GLN A 204 -17.42 -11.10 -10.51
N LEU A 205 -17.03 -9.94 -9.98
CA LEU A 205 -17.43 -9.55 -8.64
C LEU A 205 -18.95 -9.56 -8.53
N GLU A 206 -19.60 -9.08 -9.60
CA GLU A 206 -21.04 -9.14 -9.70
C GLU A 206 -21.51 -10.60 -9.66
N LYS A 207 -20.91 -11.43 -10.52
N LYS A 207 -20.91 -11.42 -10.51
CA LYS A 207 -21.22 -12.87 -10.54
CA LYS A 207 -21.22 -12.86 -10.55
C LYS A 207 -20.99 -13.56 -9.20
C LYS A 207 -20.99 -13.56 -9.20
N PHE A 208 -20.01 -13.08 -8.43
CA PHE A 208 -19.74 -13.62 -7.09
C PHE A 208 -20.71 -13.12 -6.01
N GLY A 209 -21.61 -12.20 -6.37
CA GLY A 209 -22.64 -11.72 -5.45
C GLY A 209 -22.23 -10.47 -4.65
N TYR A 210 -21.47 -9.58 -5.36
CA TYR A 210 -21.01 -8.33 -4.76
C TYR A 210 -21.48 -7.12 -5.58
N LYS A 211 -21.88 -6.08 -4.87
CA LYS A 211 -22.14 -4.79 -5.48
C LYS A 211 -20.95 -3.88 -5.19
N SER A 212 -20.47 -3.20 -6.23
CA SER A 212 -19.22 -2.46 -6.14
C SER A 212 -19.33 -1.05 -6.67
N LYS A 213 -18.48 -0.17 -6.14
CA LYS A 213 -18.31 1.16 -6.67
C LYS A 213 -16.83 1.45 -6.85
N THR A 214 -16.50 2.11 -7.96
CA THR A 214 -15.12 2.43 -8.30
C THR A 214 -14.84 3.90 -8.00
N TYR A 215 -13.85 4.15 -7.13
CA TYR A 215 -13.44 5.51 -6.78
C TYR A 215 -12.04 5.85 -7.34
N LEU A 216 -11.89 7.04 -7.89
CA LEU A 216 -10.58 7.60 -8.22
C LEU A 216 -10.31 8.74 -7.24
N LEU A 217 -9.38 8.50 -6.31
CA LEU A 217 -9.17 9.39 -5.19
C LEU A 217 -7.73 9.87 -5.14
N ASN A 218 -7.58 11.18 -4.93
CA ASN A 218 -6.26 11.77 -4.78
C ASN A 218 -5.96 11.99 -3.30
N SER A 219 -4.78 11.55 -2.87
CA SER A 219 -4.37 11.68 -1.47
C SER A 219 -4.38 13.14 -1.00
N LYS A 220 -4.11 14.07 -1.91
CA LYS A 220 -4.07 15.49 -1.55
C LYS A 220 -5.40 15.99 -0.98
N ASN A 221 -6.49 15.31 -1.30
CA ASN A 221 -7.80 15.65 -0.74
C ASN A 221 -8.09 14.95 0.57
N PHE A 222 -7.10 14.21 1.09
CA PHE A 222 -7.25 13.47 2.33
C PHE A 222 -6.12 13.78 3.32
N ASP A 223 -6.01 15.07 3.65
N ASP A 223 -6.03 15.06 3.66
CA ASP A 223 -5.09 15.58 4.66
CA ASP A 223 -5.09 15.58 4.66
C ASP A 223 -3.64 15.19 4.36
C ASP A 223 -3.64 15.18 4.36
N ASN A 224 -3.24 15.24 3.10
CA ASN A 224 -1.88 14.89 2.69
C ASN A 224 -1.28 15.89 1.73
N CYS A 225 0.05 15.97 1.77
CA CYS A 225 0.82 16.88 0.93
C CYS A 225 1.41 16.16 -0.29
N GLN A 226 0.69 15.17 -0.79
CA GLN A 226 1.16 14.34 -1.88
C GLN A 226 0.10 14.24 -2.95
N ASN A 227 0.49 14.50 -4.19
CA ASN A 227 -0.33 14.14 -5.33
C ASN A 227 -0.19 12.65 -5.54
N ARG A 228 -1.28 11.91 -5.37
CA ARG A 228 -1.28 10.47 -5.59
C ARG A 228 -2.70 10.00 -5.86
N GLU A 229 -2.98 9.75 -7.14
CA GLU A 229 -4.31 9.33 -7.56
C GLU A 229 -4.35 7.82 -7.64
N ARG A 230 -5.28 7.21 -6.92
CA ARG A 230 -5.38 5.76 -6.85
C ARG A 230 -6.82 5.33 -7.10
N VAL A 231 -6.97 4.13 -7.68
CA VAL A 231 -8.27 3.57 -7.98
C VAL A 231 -8.64 2.62 -6.86
N PHE A 232 -9.83 2.80 -6.31
CA PHE A 232 -10.34 1.91 -5.29
C PHE A 232 -11.64 1.31 -5.76
N CYS A 233 -11.78 0.00 -5.61
CA CYS A 233 -13.05 -0.68 -5.84
C CYS A 233 -13.51 -1.24 -4.51
N LEU A 234 -14.55 -0.63 -3.95
CA LEU A 234 -15.15 -1.08 -2.71
C LEU A 234 -16.32 -1.97 -3.07
N SER A 235 -16.36 -3.17 -2.49
CA SER A 235 -17.42 -4.14 -2.77
C SER A 235 -18.10 -4.57 -1.47
N ILE A 236 -19.41 -4.71 -1.52
CA ILE A 236 -20.19 -5.24 -0.40
C ILE A 236 -21.03 -6.43 -0.87
N ARG A 237 -21.09 -7.46 -0.03
CA ARG A 237 -21.81 -8.68 -0.33
C ARG A 237 -23.31 -8.35 -0.42
N ASP A 238 -23.93 -8.66 -1.56
CA ASP A 238 -25.25 -8.11 -1.91
C ASP A 238 -26.34 -8.29 -0.85
N ASP A 239 -26.33 -9.42 -0.14
CA ASP A 239 -27.30 -9.62 0.94
C ASP A 239 -26.97 -8.79 2.17
N TYR A 240 -25.68 -8.59 2.45
CA TYR A 240 -25.25 -7.80 3.60
C TYR A 240 -25.60 -6.34 3.41
N LEU A 241 -25.58 -5.89 2.16
CA LEU A 241 -26.05 -4.56 1.80
C LEU A 241 -27.54 -4.41 2.15
N GLU A 242 -28.32 -5.44 1.84
CA GLU A 242 -29.76 -5.42 2.14
C GLU A 242 -30.01 -5.41 3.65
N LYS A 243 -29.24 -6.20 4.39
CA LYS A 243 -29.44 -6.29 5.84
C LYS A 243 -28.98 -5.04 6.60
N THR A 244 -27.89 -4.43 6.14
CA THR A 244 -27.32 -3.26 6.81
C THR A 244 -27.96 -1.95 6.38
N GLY A 245 -28.47 -1.90 5.15
CA GLY A 245 -28.93 -0.66 4.54
C GLY A 245 -27.77 0.27 4.24
N PHE A 246 -26.62 -0.31 3.89
CA PHE A 246 -25.42 0.44 3.51
C PHE A 246 -25.63 1.19 2.20
N LYS A 247 -24.98 2.35 2.07
CA LYS A 247 -24.97 3.08 0.81
C LYS A 247 -23.56 3.64 0.56
N PHE A 248 -23.14 3.56 -0.69
CA PHE A 248 -21.85 4.10 -1.08
C PHE A 248 -21.90 5.63 -0.98
N LYS A 249 -20.93 6.19 -0.27
N LYS A 249 -20.95 6.21 -0.25
CA LYS A 249 -20.78 7.65 -0.19
CA LYS A 249 -20.85 7.66 -0.17
C LYS A 249 -20.01 8.15 -1.40
C LYS A 249 -19.99 8.15 -1.34
N GLU A 250 -20.19 9.42 -1.73
N GLU A 250 -20.24 9.38 -1.78
CA GLU A 250 -19.54 10.00 -2.89
CA GLU A 250 -19.52 9.93 -2.93
C GLU A 250 -18.19 10.58 -2.48
C GLU A 250 -18.21 10.56 -2.50
N LEU A 251 -17.18 9.72 -2.38
CA LEU A 251 -15.87 10.12 -1.88
C LEU A 251 -15.03 10.95 -2.85
N GLU A 252 -15.37 10.95 -4.14
CA GLU A 252 -14.62 11.76 -5.10
C GLU A 252 -14.85 13.27 -4.98
N LYS A 253 -15.89 13.67 -4.25
CA LYS A 253 -16.20 15.09 -4.05
C LYS A 253 -15.55 15.66 -2.78
N VAL A 254 -15.01 14.78 -1.93
CA VAL A 254 -14.41 15.22 -0.66
C VAL A 254 -13.18 16.08 -0.92
N LYS A 255 -13.09 17.22 -0.25
CA LYS A 255 -11.96 18.14 -0.39
C LYS A 255 -11.59 18.67 0.98
N ASN A 256 -10.71 17.96 1.68
CA ASN A 256 -10.26 18.40 3.00
C ASN A 256 -9.29 19.58 2.87
N PRO A 257 -8.98 20.26 3.99
CA PRO A 257 -8.02 21.37 3.90
C PRO A 257 -6.67 20.90 3.36
N PRO A 258 -6.03 21.73 2.52
CA PRO A 258 -4.77 21.28 1.92
C PRO A 258 -3.66 21.14 2.95
N LYS A 259 -2.59 20.45 2.55
N LYS A 259 -2.59 20.45 2.55
CA LYS A 259 -1.43 20.26 3.40
CA LYS A 259 -1.43 20.24 3.39
C LYS A 259 -0.20 20.45 2.53
C LYS A 259 -0.20 20.45 2.53
N LYS A 260 0.86 21.00 3.13
CA LYS A 260 2.09 21.29 2.40
C LYS A 260 3.18 20.31 2.83
N ILE A 261 4.16 20.11 1.95
CA ILE A 261 5.35 19.31 2.29
C ILE A 261 5.99 19.82 3.58
N LYS A 262 6.08 21.14 3.70
N LYS A 262 6.07 21.15 3.72
CA LYS A 262 6.52 21.85 4.90
CA LYS A 262 6.56 21.82 4.91
C LYS A 262 6.06 21.19 6.20
C LYS A 262 6.06 21.18 6.21
N ASP A 263 4.79 20.79 6.22
CA ASP A 263 4.13 20.31 7.44
C ASP A 263 4.50 18.91 7.91
N ILE A 264 5.29 18.16 7.13
CA ILE A 264 5.78 16.84 7.58
C ILE A 264 7.28 16.76 7.75
N LEU A 265 8.01 17.81 7.39
CA LEU A 265 9.47 17.77 7.42
C LEU A 265 10.02 17.73 8.85
N VAL A 266 11.09 16.96 9.03
CA VAL A 266 11.76 16.82 10.31
C VAL A 266 13.04 17.65 10.31
N ASP A 267 13.23 18.44 11.36
CA ASP A 267 14.42 19.29 11.47
C ASP A 267 15.66 18.46 11.80
N SER A 268 16.78 18.80 11.17
CA SER A 268 18.05 18.14 11.45
C SER A 268 19.23 19.06 11.14
N SER A 269 20.33 18.86 11.85
N SER A 269 20.34 18.83 11.84
CA SER A 269 21.56 19.63 11.63
CA SER A 269 21.57 19.56 11.64
C SER A 269 22.51 18.90 10.71
C SER A 269 22.50 18.80 10.71
N ASN A 270 22.25 17.61 10.46
N ASN A 270 22.17 17.54 10.45
CA ASN A 270 23.17 16.80 9.68
CA ASN A 270 23.10 16.66 9.74
C ASN A 270 22.53 16.06 8.51
C ASN A 270 22.55 16.03 8.47
N TYR A 271 21.77 16.80 7.69
CA TYR A 271 21.25 16.28 6.42
C TYR A 271 22.30 16.45 5.33
N LYS A 272 22.30 15.55 4.36
N LYS A 272 22.32 15.55 4.35
CA LYS A 272 23.14 15.68 3.17
CA LYS A 272 23.18 15.72 3.19
C LYS A 272 22.40 16.51 2.14
C LYS A 272 22.42 16.51 2.13
N TYR A 273 23.10 17.45 1.51
CA TYR A 273 22.49 18.31 0.50
C TYR A 273 23.16 18.07 -0.85
N LEU A 274 22.37 18.25 -1.90
CA LEU A 274 22.81 17.94 -3.25
C LEU A 274 23.51 19.15 -3.84
N ASN A 275 24.60 18.92 -4.57
CA ASN A 275 25.27 19.99 -5.26
C ASN A 275 24.68 20.13 -6.66
N LEU A 276 23.94 21.22 -6.85
CA LEU A 276 23.23 21.47 -8.10
C LEU A 276 23.71 22.76 -8.76
N ASN A 277 24.87 23.25 -8.34
CA ASN A 277 25.42 24.52 -8.88
C ASN A 277 25.65 24.49 -10.39
N LYS A 278 25.95 23.29 -10.92
N LYS A 278 25.95 23.29 -10.92
CA LYS A 278 26.21 23.10 -12.34
CA LYS A 278 26.20 23.09 -12.34
C LYS A 278 24.96 23.20 -13.23
C LYS A 278 24.95 23.25 -13.22
N TYR A 279 23.77 22.99 -12.66
CA TYR A 279 22.55 22.89 -13.45
C TYR A 279 21.70 24.17 -13.50
N GLU A 280 21.43 24.65 -14.71
N GLU A 280 21.42 24.63 -14.72
CA GLU A 280 20.54 25.78 -14.93
CA GLU A 280 20.54 25.78 -14.94
C GLU A 280 19.13 25.41 -14.49
C GLU A 280 19.12 25.41 -14.52
N THR A 281 18.36 26.41 -14.06
CA THR A 281 16.99 26.18 -13.59
C THR A 281 16.11 27.40 -13.93
N THR A 282 14.88 27.40 -13.43
CA THR A 282 13.94 28.47 -13.68
C THR A 282 13.19 28.83 -12.40
N THR A 283 12.21 29.72 -12.52
CA THR A 283 11.31 30.01 -11.43
C THR A 283 10.44 28.79 -11.13
N PHE A 284 9.99 28.69 -9.89
CA PHE A 284 8.95 27.75 -9.53
C PHE A 284 7.65 28.11 -10.24
N ARG A 285 6.92 27.10 -10.71
N ARG A 285 6.93 27.11 -10.74
CA ARG A 285 5.61 27.26 -11.31
CA ARG A 285 5.59 27.32 -11.28
C ARG A 285 4.64 26.31 -10.60
C ARG A 285 4.64 26.32 -10.64
N GLU A 286 3.45 26.80 -10.27
CA GLU A 286 2.41 25.97 -9.65
C GLU A 286 1.45 25.47 -10.72
N THR A 287 1.19 24.18 -10.72
CA THR A 287 0.20 23.59 -11.62
C THR A 287 -1.17 23.58 -10.98
N LYS A 288 -2.18 23.26 -11.79
CA LYS A 288 -3.56 23.10 -11.35
C LYS A 288 -3.70 22.19 -10.12
N SER A 289 -2.84 21.18 -10.02
CA SER A 289 -2.90 20.22 -8.91
C SER A 289 -2.23 20.68 -7.60
N ASN A 290 -1.66 21.88 -7.57
CA ASN A 290 -0.94 22.41 -6.39
C ASN A 290 0.50 21.91 -6.23
N ILE A 291 1.04 21.25 -7.27
CA ILE A 291 2.46 20.89 -7.30
C ILE A 291 3.28 22.09 -7.76
N ILE A 292 4.18 22.55 -6.91
CA ILE A 292 5.04 23.68 -7.24
C ILE A 292 6.45 23.15 -7.46
N SER A 293 6.94 23.25 -8.70
CA SER A 293 8.23 22.69 -9.06
C SER A 293 9.00 23.54 -10.04
N ARG A 294 10.29 23.25 -10.16
CA ARG A 294 11.16 23.87 -11.15
C ARG A 294 12.09 22.80 -11.73
N PRO A 295 12.40 22.88 -13.04
CA PRO A 295 13.25 21.87 -13.66
C PRO A 295 14.73 22.16 -13.51
N LEU A 296 15.53 21.11 -13.61
CA LEU A 296 16.98 21.23 -13.72
C LEU A 296 17.35 20.89 -15.15
N LYS A 297 18.06 21.80 -15.81
N LYS A 297 18.04 21.81 -15.81
CA LYS A 297 18.48 21.61 -17.19
CA LYS A 297 18.48 21.61 -17.19
C LYS A 297 19.77 20.79 -17.23
C LYS A 297 19.76 20.78 -17.22
N ASN A 298 19.83 19.84 -18.16
CA ASN A 298 21.01 18.96 -18.34
C ASN A 298 21.39 18.13 -17.11
N TYR A 299 20.37 17.72 -16.35
CA TYR A 299 20.53 16.91 -15.15
C TYR A 299 20.55 15.45 -15.57
N THR A 300 19.47 15.02 -16.23
CA THR A 300 19.37 13.67 -16.79
C THR A 300 18.49 13.73 -18.04
N THR A 301 18.38 12.60 -18.72
CA THR A 301 17.45 12.46 -19.85
C THR A 301 16.12 11.83 -19.41
N PHE A 302 15.94 11.63 -18.10
CA PHE A 302 14.73 11.04 -17.54
C PHE A 302 13.91 12.15 -16.90
N ASN A 303 12.81 12.54 -17.56
N ASN A 303 12.80 12.53 -17.55
CA ASN A 303 12.04 13.72 -17.16
CA ASN A 303 12.05 13.72 -17.17
C ASN A 303 11.71 13.79 -15.68
C ASN A 303 11.68 13.80 -15.70
N SER A 304 11.14 12.71 -15.14
CA SER A 304 10.68 12.69 -13.76
C SER A 304 11.79 12.84 -12.70
N GLU A 305 13.04 12.62 -13.09
CA GLU A 305 14.18 12.87 -12.20
C GLU A 305 14.59 14.35 -12.13
N ASN A 306 14.14 15.16 -13.08
CA ASN A 306 14.70 16.51 -13.27
C ASN A 306 13.96 17.66 -12.56
N TYR A 307 13.26 17.36 -11.47
CA TYR A 307 12.50 18.39 -10.77
C TYR A 307 12.89 18.53 -9.31
N VAL A 308 12.91 19.79 -8.85
CA VAL A 308 13.03 20.14 -7.44
C VAL A 308 11.68 20.70 -7.04
N TYR A 309 11.17 20.27 -5.89
CA TYR A 309 9.85 20.68 -5.45
C TYR A 309 9.90 21.71 -4.34
N ASN A 310 8.96 22.65 -4.38
CA ASN A 310 8.80 23.68 -3.37
C ASN A 310 8.00 23.13 -2.22
N ILE A 311 8.47 23.37 -0.99
CA ILE A 311 7.82 22.81 0.18
C ILE A 311 6.49 23.48 0.57
N ASN A 312 6.12 24.59 -0.09
CA ASN A 312 4.85 25.26 0.20
C ASN A 312 3.66 24.70 -0.56
N GLY A 313 3.90 23.72 -1.42
CA GLY A 313 2.84 23.02 -2.12
C GLY A 313 2.89 21.55 -1.78
N ILE A 314 2.27 20.75 -2.64
CA ILE A 314 2.30 19.31 -2.49
C ILE A 314 3.38 18.72 -3.39
N GLY A 315 3.73 17.48 -3.11
CA GLY A 315 4.77 16.80 -3.85
C GLY A 315 4.21 15.75 -4.78
N PRO A 316 5.10 15.11 -5.55
CA PRO A 316 4.70 14.10 -6.51
C PRO A 316 4.41 12.77 -5.83
N THR A 317 3.84 11.85 -6.59
CA THR A 317 3.59 10.49 -6.15
C THR A 317 4.89 9.79 -5.77
N LEU A 318 4.97 9.33 -4.52
CA LEU A 318 6.10 8.53 -4.08
C LEU A 318 6.02 7.15 -4.70
N THR A 319 7.01 6.83 -5.53
CA THR A 319 7.16 5.49 -6.06
C THR A 319 8.16 4.70 -5.24
N ALA A 320 8.09 3.37 -5.37
CA ALA A 320 8.96 2.48 -4.63
C ALA A 320 10.43 2.65 -5.01
N SER A 321 10.69 3.01 -6.26
CA SER A 321 12.06 3.09 -6.75
C SER A 321 12.25 4.24 -7.73
N GLY A 322 13.48 4.43 -8.18
CA GLY A 322 13.77 5.35 -9.25
C GLY A 322 13.44 6.78 -8.91
N ALA A 323 13.05 7.53 -9.94
CA ALA A 323 12.99 8.99 -9.88
C ALA A 323 12.08 9.51 -8.77
N ASN A 324 10.88 8.95 -8.67
CA ASN A 324 9.91 9.43 -7.69
C ASN A 324 10.04 8.78 -6.31
N SER A 325 11.10 8.00 -6.10
CA SER A 325 11.54 7.63 -4.75
C SER A 325 12.61 8.60 -4.24
N ARG A 326 13.14 9.42 -5.14
CA ARG A 326 14.18 10.41 -4.86
C ARG A 326 13.63 11.84 -5.01
N ILE A 327 12.77 12.22 -4.08
CA ILE A 327 12.03 13.48 -4.18
C ILE A 327 12.85 14.65 -3.63
N LYS A 328 13.34 15.50 -4.53
CA LYS A 328 14.19 16.63 -4.16
C LYS A 328 13.35 17.82 -3.73
N ILE A 329 13.60 18.32 -2.52
CA ILE A 329 12.91 19.50 -2.01
C ILE A 329 13.90 20.62 -1.72
N GLU A 330 13.46 21.86 -1.91
CA GLU A 330 14.27 23.03 -1.64
C GLU A 330 13.97 23.54 -0.25
N THR A 331 14.97 23.56 0.61
CA THR A 331 14.85 24.12 1.95
C THR A 331 15.90 25.22 2.09
N GLN A 332 15.80 26.00 3.17
CA GLN A 332 16.73 27.10 3.40
C GLN A 332 18.17 26.62 3.55
N GLN A 333 18.35 25.40 4.06
CA GLN A 333 19.67 24.77 4.17
C GLN A 333 20.20 24.17 2.85
N GLY A 334 19.36 24.12 1.82
CA GLY A 334 19.73 23.58 0.51
C GLY A 334 18.71 22.57 -0.02
N VAL A 335 19.03 21.96 -1.15
CA VAL A 335 18.17 20.92 -1.73
C VAL A 335 18.61 19.54 -1.27
N ARG A 336 17.63 18.73 -0.87
CA ARG A 336 17.89 17.39 -0.35
C ARG A 336 16.72 16.48 -0.68
N TYR A 337 16.94 15.18 -0.58
CA TYR A 337 15.86 14.22 -0.76
C TYR A 337 15.00 14.15 0.50
N LEU A 338 13.71 13.83 0.33
CA LEU A 338 12.90 13.41 1.47
C LEU A 338 13.54 12.16 2.06
N THR A 339 13.64 12.13 3.39
CA THR A 339 14.25 11.00 4.09
C THR A 339 13.28 9.82 4.19
N PRO A 340 13.79 8.65 4.58
CA PRO A 340 12.93 7.51 4.82
C PRO A 340 11.83 7.80 5.85
N LEU A 341 12.19 8.43 6.97
CA LEU A 341 11.21 8.84 7.97
C LEU A 341 10.17 9.72 7.32
N GLU A 342 10.62 10.76 6.62
CA GLU A 342 9.70 11.66 5.93
C GLU A 342 8.84 10.95 4.88
N CYS A 343 9.39 9.97 4.19
CA CYS A 343 8.61 9.18 3.24
C CYS A 343 7.51 8.35 3.95
N PHE A 344 7.81 7.81 5.13
CA PHE A 344 6.77 7.14 5.92
C PHE A 344 5.66 8.13 6.27
N LYS A 345 6.04 9.33 6.70
CA LYS A 345 5.06 10.37 7.02
C LYS A 345 4.27 10.77 5.78
N TYR A 346 4.93 10.81 4.63
CA TYR A 346 4.33 11.16 3.34
C TYR A 346 3.19 10.21 2.98
N MET A 347 3.33 8.96 3.42
CA MET A 347 2.32 7.92 3.24
C MET A 347 1.38 7.82 4.46
N GLN A 348 1.49 8.79 5.37
CA GLN A 348 0.64 8.92 6.56
C GLN A 348 0.75 7.79 7.58
N PHE A 349 1.90 7.14 7.61
CA PHE A 349 2.32 6.39 8.79
C PHE A 349 2.91 7.42 9.73
N ASP A 350 3.09 7.05 11.00
CA ASP A 350 3.66 8.00 11.96
C ASP A 350 5.09 7.63 12.31
N VAL A 351 5.76 8.56 13.00
CA VAL A 351 7.16 8.42 13.42
C VAL A 351 7.42 7.10 14.15
N ASN A 352 6.48 6.68 14.99
N ASN A 352 6.48 6.69 15.00
CA ASN A 352 6.64 5.47 15.79
CA ASN A 352 6.62 5.47 15.79
C ASN A 352 6.64 4.20 14.92
C ASN A 352 6.65 4.20 14.92
N ASP A 353 5.86 4.20 13.85
CA ASP A 353 5.89 3.09 12.88
C ASP A 353 7.28 3.01 12.26
N PHE A 354 7.83 4.16 11.89
CA PHE A 354 9.14 4.22 11.28
C PHE A 354 10.24 3.77 12.23
N LYS A 355 10.19 4.25 13.48
CA LYS A 355 11.21 3.91 14.47
C LYS A 355 11.26 2.42 14.69
N LYS A 356 10.08 1.78 14.68
CA LYS A 356 9.99 0.33 14.88
C LYS A 356 10.63 -0.44 13.73
N VAL A 357 10.42 0.02 12.50
CA VAL A 357 11.04 -0.58 11.32
C VAL A 357 12.56 -0.36 11.37
N GLN A 358 12.96 0.87 11.67
CA GLN A 358 14.36 1.22 11.81
C GLN A 358 15.02 0.37 12.88
N SER A 359 14.33 0.21 14.01
CA SER A 359 14.86 -0.49 15.19
C SER A 359 15.07 -2.00 14.98
N THR A 360 14.51 -2.56 13.92
CA THR A 360 14.82 -3.95 13.55
C THR A 360 16.28 -4.11 13.08
N ASN A 361 16.87 -3.05 12.55
N ASN A 361 16.85 -3.03 12.55
CA ASN A 361 18.21 -3.10 11.98
CA ASN A 361 18.16 -3.02 11.91
C ASN A 361 18.34 -4.13 10.83
C ASN A 361 18.32 -4.12 10.85
N LEU A 362 17.24 -4.37 10.12
CA LEU A 362 17.22 -5.33 9.02
C LEU A 362 16.85 -4.70 7.67
N ILE A 363 16.35 -3.48 7.68
CA ILE A 363 15.84 -2.84 6.47
C ILE A 363 16.69 -1.63 6.15
N SER A 364 17.33 -1.63 4.98
CA SER A 364 18.13 -0.48 4.53
C SER A 364 17.26 0.76 4.26
N GLU A 365 17.89 1.91 4.11
CA GLU A 365 17.17 3.16 3.88
C GLU A 365 16.36 3.12 2.58
N ASN A 366 16.96 2.63 1.49
CA ASN A 366 16.26 2.50 0.22
C ASN A 366 15.12 1.48 0.26
N LYS A 367 15.30 0.42 1.03
N LYS A 367 15.30 0.42 1.03
CA LYS A 367 14.27 -0.59 1.25
CA LYS A 367 14.25 -0.58 1.23
C LYS A 367 13.10 -0.02 2.06
C LYS A 367 13.09 -0.04 2.07
N MET A 368 13.38 0.89 2.98
CA MET A 368 12.32 1.53 3.78
C MET A 368 11.50 2.45 2.89
N ILE A 369 12.17 3.14 1.98
CA ILE A 369 11.48 3.96 0.99
C ILE A 369 10.70 3.07 0.02
N TYR A 370 11.31 1.96 -0.40
CA TYR A 370 10.67 1.03 -1.32
C TYR A 370 9.32 0.52 -0.78
N ILE A 371 9.30 0.08 0.47
CA ILE A 371 8.05 -0.43 1.04
C ILE A 371 7.03 0.67 1.32
N ALA A 372 7.50 1.86 1.65
CA ALA A 372 6.61 3.02 1.77
C ALA A 372 6.00 3.37 0.43
N GLY A 373 6.83 3.36 -0.62
CA GLY A 373 6.37 3.66 -1.97
C GLY A 373 5.32 2.67 -2.45
N ASN A 374 5.48 1.42 -2.05
CA ASN A 374 4.52 0.37 -2.39
C ASN A 374 3.23 0.41 -1.57
N SER A 375 3.11 1.31 -0.60
CA SER A 375 1.97 1.31 0.31
C SER A 375 0.85 2.25 -0.18
N ILE A 376 -0.09 2.55 0.72
CA ILE A 376 -1.25 3.41 0.40
C ILE A 376 -1.37 4.48 1.48
N PRO A 377 -1.57 5.75 1.09
CA PRO A 377 -1.74 6.79 2.12
C PRO A 377 -2.86 6.42 3.09
N VAL A 378 -2.52 6.37 4.37
CA VAL A 378 -3.39 5.72 5.37
C VAL A 378 -4.75 6.42 5.53
N LYS A 379 -4.77 7.74 5.45
CA LYS A 379 -6.00 8.49 5.67
C LYS A 379 -7.03 8.37 4.54
N ILE A 380 -6.60 7.97 3.34
CA ILE A 380 -7.56 7.61 2.29
C ILE A 380 -8.34 6.38 2.74
N LEU A 381 -7.63 5.37 3.26
CA LEU A 381 -8.26 4.14 3.72
C LEU A 381 -9.12 4.39 4.95
N GLU A 382 -8.72 5.33 5.80
CA GLU A 382 -9.55 5.73 6.93
C GLU A 382 -10.90 6.23 6.42
N ALA A 383 -10.87 7.16 5.47
CA ALA A 383 -12.10 7.73 4.89
C ALA A 383 -12.99 6.66 4.26
N ILE A 384 -12.39 5.74 3.51
CA ILE A 384 -13.15 4.65 2.89
C ILE A 384 -13.76 3.74 3.94
N PHE A 385 -12.97 3.38 4.96
CA PHE A 385 -13.45 2.47 6.00
C PHE A 385 -14.45 3.10 6.95
N ASN A 386 -14.51 4.43 6.99
CA ASN A 386 -15.56 5.12 7.74
C ASN A 386 -16.97 4.93 7.15
N THR A 387 -17.06 4.61 5.86
CA THR A 387 -18.38 4.43 5.24
C THR A 387 -18.98 3.06 5.50
N LEU A 388 -18.20 2.11 6.00
CA LEU A 388 -18.69 0.75 6.18
C LEU A 388 -19.65 0.62 7.35
N GLU A 389 -20.65 -0.25 7.21
N GLU A 389 -20.66 -0.24 7.21
CA GLU A 389 -21.62 -0.52 8.26
CA GLU A 389 -21.62 -0.53 8.27
C GLU A 389 -21.64 -2.03 8.54
C GLU A 389 -21.64 -2.03 8.54
N PHE A 390 -21.79 -2.39 9.81
CA PHE A 390 -21.89 -3.79 10.21
C PHE A 390 -23.07 -4.01 11.14
N VAL A 391 -23.60 -5.23 11.14
CA VAL A 391 -24.75 -5.58 11.98
C VAL A 391 -24.26 -5.95 13.38
N ASN A 392 -25.05 -5.60 14.38
CA ASN A 392 -24.67 -5.72 15.79
C ASN A 392 -24.44 -7.16 16.29
N ASN A 393 -25.21 -8.10 15.75
CA ASN A 393 -25.13 -9.53 16.11
C ASN A 393 -23.76 -9.99 16.62
P 5PY B 8 2.40 5.60 -10.36
OP2 5PY B 8 1.41 6.54 -9.75
OP1 5PY B 8 1.93 4.46 -11.22
O5' 5PY B 8 3.28 5.00 -9.17
C5' 5PY B 8 3.92 3.74 -9.30
C4' 5PY B 8 4.12 3.25 -7.89
O4' 5PY B 8 2.90 2.87 -7.25
C1' 5PY B 8 3.26 2.03 -6.15
N1 5PY B 8 2.20 1.04 -5.85
C2 5PY B 8 0.90 1.52 -5.53
O2 5PY B 8 0.67 2.74 -5.53
N3 5PY B 8 -0.12 0.67 -5.25
C4 5PY B 8 0.09 -0.67 -5.22
C5 5PY B 8 1.44 -1.19 -5.53
C5M 5PY B 8 1.75 -2.66 -5.51
C6 5PY B 8 2.44 -0.29 -5.83
C2' 5PY B 8 4.66 1.45 -6.47
C3' 5PY B 8 5.03 2.05 -7.80
O3' 5PY B 8 6.40 2.46 -7.82
N1 5CM C 7 17.30 6.42 -16.78
C2 5CM C 7 16.29 5.68 -16.12
N3 5CM C 7 15.80 6.07 -14.93
C4 5CM C 7 16.26 7.17 -14.31
C5 5CM C 7 17.32 7.96 -14.98
C5A 5CM C 7 17.88 9.21 -14.36
C6 5CM C 7 17.80 7.53 -16.21
O2 5CM C 7 15.82 4.65 -16.64
N4 5CM C 7 15.74 7.52 -13.12
C1' 5CM C 7 17.81 5.98 -18.08
C2' 5CM C 7 17.60 7.02 -19.17
C3' 5CM C 7 18.76 6.80 -20.14
C4' 5CM C 7 19.66 5.81 -19.42
O4' 5CM C 7 19.21 5.76 -18.07
O3' 5CM C 7 18.31 6.22 -21.37
C5' 5CM C 7 21.13 6.19 -19.49
O5' 5CM C 7 21.31 7.43 -18.82
P 5CM C 7 22.80 7.92 -18.49
OP1 5CM C 7 23.67 7.62 -19.69
OP2 5CM C 7 22.71 9.31 -17.94
N SAH D . -1.30 -2.75 0.79
CA SAH D . 0.20 -2.83 0.75
CB SAH D . 0.68 -2.43 -0.64
CG SAH D . 0.42 -3.49 -1.73
SD SAH D . 1.97 -3.90 -2.46
C SAH D . 0.83 -1.98 1.87
O SAH D . 0.19 -1.57 2.84
OXT SAH D . 2.03 -1.68 1.87
C5' SAH D . 1.78 -5.41 -3.36
C4' SAH D . 2.52 -6.53 -2.62
O4' SAH D . 2.25 -7.80 -3.23
C3' SAH D . 4.04 -6.38 -2.61
O3' SAH D . 4.54 -6.08 -1.31
C2' SAH D . 4.55 -7.74 -3.09
O2' SAH D . 5.65 -8.17 -2.31
C1' SAH D . 3.34 -8.67 -2.95
N9 SAH D . 3.36 -9.88 -3.85
C8 SAH D . 3.85 -9.90 -5.10
N7 SAH D . 3.75 -11.14 -5.67
C5 SAH D . 3.17 -11.93 -4.76
C6 SAH D . 2.77 -13.36 -4.71
N6 SAH D . 2.97 -14.18 -5.77
N1 SAH D . 2.19 -13.79 -3.57
C2 SAH D . 2.00 -12.97 -2.51
N3 SAH D . 2.34 -11.67 -2.49
C4 SAH D . 2.92 -11.10 -3.56
C1 GOL E . 17.77 8.69 -1.53
O1 GOL E . 16.85 8.11 -0.58
C2 GOL E . 18.91 7.72 -1.85
O2 GOL E . 18.42 6.64 -2.66
C3 GOL E . 19.99 8.51 -2.59
O3 GOL E . 21.04 7.63 -3.03
NA NA F . 25.31 -12.26 -13.50
#